data_3ATS
#
_entry.id   3ATS
#
_cell.length_a   56.738
_cell.length_b   62.366
_cell.length_c   103.614
_cell.angle_alpha   90.00
_cell.angle_beta   90.00
_cell.angle_gamma   90.00
#
_symmetry.space_group_name_H-M   'P 21 21 21'
#
loop_
_entity.id
_entity.type
_entity.pdbx_description
1 polymer 'Putative uncharacterized protein'
2 non-polymer 'MAGNESIUM ION'
3 non-polymer 'CALCIUM ION'
4 non-polymer GLYCEROL
5 water water
#
_entity_poly.entity_id   1
_entity_poly.type   'polypeptide(L)'
_entity_poly.pdbx_seq_one_letter_code
;TLPAVISRWLSSVLPGGAAPEVTVESGVDSTGMSSETIILTARWQQDGRSIQQKLVARVAPAAEDVPVFPTYRLDHQFEV
IRLVGELTDVPVPRVRWIETTGDVLGTPFFLMDYVEGVVPPDVMPYTFGDNWFADAPAERQRQLQDATVAALATLHSIPN
AQNTFSFLTQGRTSDTTLHRHFNWVRSWYDFAVEGIGRSPLLERTFEWLQSHWPDDAAAREPVLLWGDARVGNVLYRDFQ
PVAVLDWEMVALGPRELDVAWMIFAHRVFQELAGLATLPGLPEVMREDDVRATYQALTGVELGDLHWFYVYSGVMWACVF
MRTGARRVHFGEIEKPDDVESLFYHAGLMKHLLGEEH
;
_entity_poly.pdbx_strand_id   A
#
# COMPACT_ATOMS: atom_id res chain seq x y z
N THR A 1 -22.35 -3.53 -13.73
CA THR A 1 -21.75 -4.71 -14.41
C THR A 1 -20.76 -5.57 -13.59
N LEU A 2 -19.92 -4.99 -12.68
CA LEU A 2 -19.15 -5.81 -11.72
C LEU A 2 -20.08 -6.77 -10.92
N PRO A 3 -21.18 -6.27 -10.34
CA PRO A 3 -22.03 -7.23 -9.59
C PRO A 3 -22.63 -8.30 -10.54
N ALA A 4 -22.98 -7.90 -11.76
CA ALA A 4 -23.48 -8.87 -12.79
C ALA A 4 -22.46 -9.97 -13.06
N VAL A 5 -21.22 -9.56 -13.26
CA VAL A 5 -20.13 -10.47 -13.56
C VAL A 5 -19.85 -11.38 -12.34
N ILE A 6 -19.89 -10.88 -11.11
CA ILE A 6 -19.60 -11.77 -9.99
C ILE A 6 -20.76 -12.75 -9.77
N SER A 7 -21.99 -12.28 -10.03
CA SER A 7 -23.18 -13.11 -9.91
C SER A 7 -23.03 -14.30 -10.88
N ARG A 8 -22.50 -14.04 -12.07
CA ARG A 8 -22.39 -15.09 -13.11
C ARG A 8 -21.36 -16.07 -12.67
N TRP A 9 -20.23 -15.57 -12.14
CA TRP A 9 -19.16 -16.47 -11.72
C TRP A 9 -19.68 -17.32 -10.55
N LEU A 10 -20.38 -16.69 -9.61
CA LEU A 10 -21.06 -17.44 -8.54
C LEU A 10 -22.03 -18.52 -9.14
N SER A 11 -22.80 -18.18 -10.17
CA SER A 11 -23.72 -19.16 -10.78
C SER A 11 -22.90 -20.39 -11.28
N SER A 12 -21.66 -20.18 -11.72
CA SER A 12 -20.80 -21.30 -12.19
C SER A 12 -20.14 -22.14 -11.07
N VAL A 13 -20.15 -21.63 -9.83
CA VAL A 13 -19.53 -22.38 -8.74
C VAL A 13 -20.47 -22.95 -7.68
N LEU A 14 -21.64 -22.36 -7.54
CA LEU A 14 -22.55 -22.80 -6.50
C LEU A 14 -23.51 -23.78 -7.16
N PRO A 15 -24.21 -24.55 -6.37
CA PRO A 15 -25.25 -25.48 -6.85
C PRO A 15 -26.29 -24.85 -7.74
N GLY A 16 -26.80 -25.61 -8.70
CA GLY A 16 -27.83 -25.09 -9.59
C GLY A 16 -29.03 -24.72 -8.72
N GLY A 17 -29.63 -23.57 -8.96
CA GLY A 17 -30.76 -23.20 -8.09
C GLY A 17 -30.40 -22.33 -6.91
N ALA A 18 -29.10 -22.16 -6.66
CA ALA A 18 -28.66 -21.20 -5.62
C ALA A 18 -29.12 -19.75 -5.93
N ALA A 19 -29.20 -19.43 -7.23
CA ALA A 19 -29.68 -18.13 -7.74
C ALA A 19 -29.06 -16.93 -7.03
N PRO A 20 -27.73 -16.79 -7.11
CA PRO A 20 -27.07 -15.74 -6.33
C PRO A 20 -27.49 -14.32 -6.78
N GLU A 21 -27.50 -13.38 -5.84
CA GLU A 21 -27.77 -11.97 -6.18
C GLU A 21 -26.64 -11.15 -5.59
N VAL A 22 -26.06 -10.24 -6.37
CA VAL A 22 -24.90 -9.54 -5.90
C VAL A 22 -25.18 -8.07 -6.02
N THR A 23 -24.83 -7.38 -4.96
CA THR A 23 -24.97 -5.92 -4.90
C THR A 23 -23.67 -5.24 -4.38
N VAL A 24 -23.54 -3.94 -4.65
CA VAL A 24 -22.38 -3.18 -4.15
C VAL A 24 -22.64 -2.64 -2.77
N GLU A 25 -21.79 -3.01 -1.82
CA GLU A 25 -21.87 -2.51 -0.44
C GLU A 25 -21.07 -1.20 -0.36
N SER A 26 -19.90 -1.17 -1.00
CA SER A 26 -19.09 0.05 -0.98
C SER A 26 -18.11 0.14 -2.14
N GLY A 27 -18.33 1.14 -3.01
CA GLY A 27 -17.50 1.33 -4.19
C GLY A 27 -16.76 2.68 -4.22
N VAL A 28 -16.89 3.49 -3.18
CA VAL A 28 -16.19 4.79 -3.10
C VAL A 28 -15.65 4.99 -1.70
N ASP A 29 -14.65 5.89 -1.59
CA ASP A 29 -14.10 6.22 -0.29
C ASP A 29 -15.00 7.33 0.33
N SER A 30 -14.65 7.81 1.51
CA SER A 30 -15.50 8.75 2.26
C SER A 30 -15.56 10.13 1.63
N THR A 31 -14.87 10.29 0.52
CA THR A 31 -14.92 11.58 -0.17
C THR A 31 -15.61 11.39 -1.50
N GLY A 32 -16.23 10.22 -1.71
CA GLY A 32 -16.99 9.97 -2.94
C GLY A 32 -16.19 9.63 -4.18
N MET A 33 -14.88 9.46 -4.00
CA MET A 33 -14.02 9.06 -5.15
C MET A 33 -14.02 7.51 -5.25
N SER A 34 -14.01 6.98 -6.45
CA SER A 34 -13.82 5.51 -6.68
C SER A 34 -12.72 4.95 -5.80
N SER A 35 -12.99 3.86 -5.04
CA SER A 35 -11.97 3.25 -4.15
C SER A 35 -11.08 2.18 -4.80
N GLU A 36 -9.96 1.87 -4.15
CA GLU A 36 -9.02 0.85 -4.66
C GLU A 36 -9.75 -0.51 -4.83
N THR A 37 -10.50 -0.88 -3.79
CA THR A 37 -11.27 -2.09 -3.82
C THR A 37 -12.78 -1.79 -3.65
N ILE A 38 -13.62 -2.74 -4.07
CA ILE A 38 -15.06 -2.60 -4.00
C ILE A 38 -15.56 -3.73 -3.12
N ILE A 39 -16.37 -3.43 -2.12
CA ILE A 39 -16.95 -4.49 -1.26
C ILE A 39 -18.33 -4.84 -1.84
N LEU A 40 -18.58 -6.14 -2.02
CA LEU A 40 -19.86 -6.57 -2.62
C LEU A 40 -20.49 -7.55 -1.64
N THR A 41 -21.81 -7.59 -1.67
CA THR A 41 -22.54 -8.60 -0.91
C THR A 41 -23.18 -9.54 -1.86
N ALA A 42 -22.96 -10.84 -1.62
CA ALA A 42 -23.55 -11.96 -2.38
C ALA A 42 -24.57 -12.68 -1.53
N ARG A 43 -25.76 -12.89 -2.07
CA ARG A 43 -26.80 -13.63 -1.35
C ARG A 43 -27.29 -14.76 -2.24
N TRP A 44 -27.47 -15.94 -1.66
CA TRP A 44 -28.06 -17.05 -2.45
C TRP A 44 -28.76 -18.03 -1.51
N GLN A 45 -29.45 -19.01 -2.08
CA GLN A 45 -30.15 -20.04 -1.31
C GLN A 45 -29.43 -21.37 -1.29
N GLN A 46 -29.52 -22.05 -0.15
CA GLN A 46 -28.91 -23.35 0.00
C GLN A 46 -29.76 -24.15 0.97
N ASP A 47 -30.37 -25.24 0.49
CA ASP A 47 -31.21 -26.08 1.34
C ASP A 47 -32.29 -25.27 2.08
N GLY A 48 -32.96 -24.38 1.35
CA GLY A 48 -34.08 -23.59 1.84
C GLY A 48 -33.69 -22.38 2.65
N ARG A 49 -32.39 -22.15 2.83
CA ARG A 49 -31.95 -21.06 3.72
C ARG A 49 -31.10 -20.03 2.96
N SER A 50 -31.22 -18.78 3.37
CA SER A 50 -30.37 -17.71 2.82
C SER A 50 -28.95 -17.73 3.35
N ILE A 51 -28.00 -17.61 2.42
CA ILE A 51 -26.58 -17.49 2.77
C ILE A 51 -26.16 -16.12 2.28
N GLN A 52 -25.30 -15.44 3.06
CA GLN A 52 -24.88 -14.12 2.62
C GLN A 52 -23.40 -13.99 2.86
N GLN A 53 -22.63 -13.56 1.84
CA GLN A 53 -21.16 -13.47 2.02
C GLN A 53 -20.68 -12.13 1.48
N LYS A 54 -19.71 -11.48 2.12
CA LYS A 54 -19.15 -10.31 1.49
C LYS A 54 -17.88 -10.72 0.73
N LEU A 55 -17.68 -10.07 -0.39
CA LEU A 55 -16.52 -10.30 -1.23
C LEU A 55 -15.87 -8.95 -1.57
N VAL A 56 -14.58 -8.98 -1.89
CA VAL A 56 -13.91 -7.70 -2.20
C VAL A 56 -13.29 -7.85 -3.56
N ALA A 57 -13.56 -6.91 -4.48
CA ALA A 57 -12.93 -6.98 -5.79
C ALA A 57 -11.86 -5.91 -5.87
N ARG A 58 -10.73 -6.25 -6.48
CA ARG A 58 -9.76 -5.23 -6.89
C ARG A 58 -9.78 -5.15 -8.42
N VAL A 59 -10.14 -3.97 -8.94
CA VAL A 59 -10.22 -3.82 -10.38
C VAL A 59 -9.11 -2.89 -10.87
N ALA A 60 -8.47 -3.26 -11.96
CA ALA A 60 -7.44 -2.37 -12.54
C ALA A 60 -8.05 -1.08 -13.11
N PRO A 61 -7.38 0.06 -12.92
CA PRO A 61 -8.06 1.27 -13.37
C PRO A 61 -7.86 1.49 -14.87
N ALA A 62 -8.76 2.26 -15.47
CA ALA A 62 -8.57 2.67 -16.88
C ALA A 62 -7.87 4.04 -16.92
N ALA A 63 -7.29 4.38 -18.07
CA ALA A 63 -6.73 5.72 -18.30
C ALA A 63 -7.63 6.87 -17.83
N GLU A 64 -8.89 6.90 -18.25
CA GLU A 64 -9.76 8.03 -17.88
C GLU A 64 -9.98 8.17 -16.37
N ASP A 65 -9.45 7.21 -15.61
CA ASP A 65 -9.51 7.17 -14.14
C ASP A 65 -8.35 7.97 -13.46
N VAL A 66 -7.37 8.38 -14.28
CA VAL A 66 -6.08 8.96 -13.83
C VAL A 66 -5.39 8.01 -12.83
N PRO A 67 -4.88 6.86 -13.31
CA PRO A 67 -4.31 5.83 -12.47
C PRO A 67 -3.07 6.36 -11.76
N VAL A 68 -2.82 5.89 -10.54
CA VAL A 68 -1.59 6.25 -9.89
C VAL A 68 -0.33 5.78 -10.64
N PHE A 69 -0.34 4.52 -11.11
CA PHE A 69 0.86 3.89 -11.64
C PHE A 69 0.82 3.75 -13.17
N PRO A 70 2.00 3.73 -13.81
CA PRO A 70 2.06 3.64 -15.28
C PRO A 70 1.61 2.27 -15.84
N THR A 71 1.81 1.21 -15.05
CA THR A 71 1.35 -0.16 -15.43
C THR A 71 0.75 -0.90 -14.22
N TYR A 72 -0.09 -1.91 -14.50
CA TYR A 72 -0.72 -2.72 -13.46
C TYR A 72 -0.56 -4.20 -13.79
N ARG A 73 -0.22 -4.95 -12.76
CA ARG A 73 -0.09 -6.41 -12.83
C ARG A 73 -0.84 -6.98 -11.63
N LEU A 74 -2.18 -6.96 -11.78
CA LEU A 74 -3.06 -7.52 -10.78
C LEU A 74 -2.80 -9.02 -10.65
N ASP A 75 -2.31 -9.67 -11.69
CA ASP A 75 -1.90 -11.07 -11.54
C ASP A 75 -0.72 -11.32 -10.58
N HIS A 76 0.22 -10.35 -10.50
CA HIS A 76 1.28 -10.46 -9.54
C HIS A 76 0.77 -10.19 -8.16
N GLN A 77 -0.18 -9.26 -8.03
CA GLN A 77 -0.73 -9.02 -6.66
C GLN A 77 -1.41 -10.25 -6.08
N PHE A 78 -2.25 -10.88 -6.89
CA PHE A 78 -3.01 -12.06 -6.57
C PHE A 78 -2.10 -13.21 -6.20
N GLU A 79 -1.05 -13.42 -6.96
CA GLU A 79 -0.13 -14.51 -6.64
C GLU A 79 0.67 -14.27 -5.38
N VAL A 80 1.12 -13.04 -5.11
CA VAL A 80 1.81 -12.80 -3.85
C VAL A 80 0.86 -13.03 -2.69
N ILE A 81 -0.36 -12.52 -2.77
CA ILE A 81 -1.29 -12.65 -1.62
C ILE A 81 -1.52 -14.17 -1.38
N ARG A 82 -1.73 -14.89 -2.48
CA ARG A 82 -1.90 -16.36 -2.36
C ARG A 82 -0.70 -17.00 -1.68
N LEU A 83 0.52 -16.72 -2.17
CA LEU A 83 1.74 -17.33 -1.62
C LEU A 83 1.99 -16.94 -0.22
N VAL A 84 1.76 -15.64 0.11
CA VAL A 84 1.94 -15.26 1.54
C VAL A 84 1.02 -16.05 2.47
N GLY A 85 -0.21 -16.27 2.02
CA GLY A 85 -1.21 -17.08 2.72
C GLY A 85 -0.72 -18.51 2.92
N GLU A 86 -0.17 -19.09 1.86
CA GLU A 86 0.35 -20.47 1.87
C GLU A 86 1.59 -20.64 2.74
N LEU A 87 2.55 -19.72 2.61
CA LEU A 87 3.90 -19.95 3.16
C LEU A 87 4.13 -19.40 4.53
N THR A 88 3.24 -18.51 4.99
CA THR A 88 3.45 -17.85 6.29
C THR A 88 2.16 -17.78 7.03
N ASP A 89 2.25 -17.36 8.27
CA ASP A 89 1.12 -17.03 9.07
C ASP A 89 0.83 -15.50 9.15
N VAL A 90 1.34 -14.72 8.23
CA VAL A 90 0.87 -13.32 8.07
C VAL A 90 -0.56 -13.39 7.50
N PRO A 91 -1.54 -12.79 8.20
CA PRO A 91 -2.96 -12.85 7.78
C PRO A 91 -3.15 -12.02 6.54
N VAL A 92 -3.75 -12.65 5.55
CA VAL A 92 -4.11 -12.01 4.27
C VAL A 92 -5.48 -12.54 3.86
N PRO A 93 -6.19 -11.80 2.99
CA PRO A 93 -7.47 -12.28 2.52
C PRO A 93 -7.31 -13.52 1.67
N ARG A 94 -8.30 -14.41 1.74
CA ARG A 94 -8.27 -15.54 0.86
C ARG A 94 -8.65 -15.12 -0.53
N VAL A 95 -7.76 -15.37 -1.48
CA VAL A 95 -8.06 -15.10 -2.89
C VAL A 95 -9.08 -16.12 -3.43
N ARG A 96 -9.94 -15.64 -4.32
CA ARG A 96 -10.96 -16.50 -4.94
C ARG A 96 -10.95 -16.59 -6.45
N TRP A 97 -10.69 -15.52 -7.20
CA TRP A 97 -10.78 -15.63 -8.63
C TRP A 97 -10.06 -14.46 -9.22
N ILE A 98 -9.24 -14.71 -10.22
CA ILE A 98 -8.62 -13.63 -10.99
C ILE A 98 -9.05 -13.76 -12.44
N GLU A 99 -9.47 -12.64 -13.04
CA GLU A 99 -9.85 -12.50 -14.46
C GLU A 99 -8.76 -11.66 -15.12
N THR A 100 -7.80 -12.34 -15.77
CA THR A 100 -6.58 -11.68 -16.23
C THR A 100 -6.76 -10.95 -17.51
N THR A 101 -7.78 -11.35 -18.26
CA THR A 101 -7.88 -10.92 -19.67
C THR A 101 -8.38 -9.51 -19.83
N GLY A 102 -9.25 -9.07 -18.93
CA GLY A 102 -10.01 -7.84 -19.12
C GLY A 102 -11.16 -7.99 -20.11
N ASP A 103 -11.39 -9.19 -20.60
CA ASP A 103 -12.47 -9.40 -21.57
C ASP A 103 -13.86 -9.32 -20.92
N VAL A 104 -13.94 -9.51 -19.61
CA VAL A 104 -15.23 -9.57 -18.95
C VAL A 104 -15.72 -8.20 -18.50
N LEU A 105 -14.84 -7.42 -17.89
CA LEU A 105 -15.29 -6.18 -17.27
C LEU A 105 -14.84 -4.99 -18.06
N GLY A 106 -13.77 -5.17 -18.84
CA GLY A 106 -13.12 -4.07 -19.58
C GLY A 106 -11.66 -3.99 -19.21
N THR A 107 -11.35 -4.46 -18.01
CA THR A 107 -10.02 -4.40 -17.43
C THR A 107 -9.88 -5.61 -16.48
N PRO A 108 -8.64 -6.07 -16.19
CA PRO A 108 -8.45 -7.19 -15.26
C PRO A 108 -8.97 -6.88 -13.83
N PHE A 109 -9.36 -7.90 -13.06
CA PHE A 109 -9.78 -7.68 -11.67
C PHE A 109 -9.57 -9.00 -10.96
N PHE A 110 -9.50 -8.98 -9.62
CA PHE A 110 -9.58 -10.21 -8.87
C PHE A 110 -10.49 -10.07 -7.68
N LEU A 111 -10.98 -11.20 -7.16
CA LEU A 111 -11.93 -11.26 -6.05
C LEU A 111 -11.29 -11.95 -4.87
N MET A 112 -11.60 -11.49 -3.67
CA MET A 112 -11.11 -12.02 -2.40
C MET A 112 -12.26 -12.13 -1.42
N ASP A 113 -12.11 -12.95 -0.38
CA ASP A 113 -13.07 -13.01 0.70
C ASP A 113 -12.94 -11.76 1.58
N TYR A 114 -14.07 -11.32 2.11
CA TYR A 114 -14.07 -10.14 3.04
C TYR A 114 -13.53 -10.57 4.38
N VAL A 115 -12.76 -9.68 5.04
CA VAL A 115 -12.23 -9.87 6.39
C VAL A 115 -12.78 -8.73 7.23
N GLU A 116 -13.40 -9.02 8.37
CA GLU A 116 -13.92 -7.88 9.17
C GLU A 116 -12.83 -7.30 10.07
N GLY A 117 -12.80 -5.98 10.16
CA GLY A 117 -11.79 -5.34 11.00
C GLY A 117 -11.79 -3.86 10.82
N VAL A 118 -10.88 -3.19 11.52
CA VAL A 118 -10.81 -1.74 11.41
C VAL A 118 -9.38 -1.35 10.98
N VAL A 119 -9.28 -0.22 10.30
CA VAL A 119 -8.00 0.28 9.83
C VAL A 119 -7.72 1.65 10.48
N PRO A 120 -6.45 1.95 10.88
CA PRO A 120 -6.14 3.36 11.26
C PRO A 120 -6.38 4.29 10.04
N PRO A 121 -7.20 5.33 10.23
CA PRO A 121 -7.69 6.02 9.02
C PRO A 121 -6.70 6.87 8.22
N ASP A 122 -6.90 6.93 6.90
CA ASP A 122 -6.22 7.92 6.09
C ASP A 122 -7.02 9.23 5.98
N VAL A 123 -8.35 9.14 6.17
CA VAL A 123 -9.23 10.31 6.00
C VAL A 123 -10.15 10.46 7.24
N MET A 124 -9.94 11.45 8.12
CA MET A 124 -8.74 12.30 8.20
C MET A 124 -7.60 11.36 8.68
N PRO A 125 -6.35 11.73 8.40
CA PRO A 125 -5.20 10.96 8.88
C PRO A 125 -5.33 10.63 10.36
N TYR A 126 -4.93 9.44 10.77
CA TYR A 126 -5.19 8.96 12.11
C TYR A 126 -4.48 9.84 13.15
N THR A 127 -3.46 10.58 12.72
CA THR A 127 -2.72 11.50 13.63
C THR A 127 -3.53 12.74 14.00
N PHE A 128 -4.69 12.92 13.33
CA PHE A 128 -5.61 14.03 13.66
C PHE A 128 -6.47 13.75 14.89
N GLY A 129 -6.37 12.55 15.44
CA GLY A 129 -7.15 12.16 16.65
C GLY A 129 -8.58 11.78 16.27
N ASP A 130 -9.45 11.58 17.28
CA ASP A 130 -10.86 11.19 17.03
C ASP A 130 -11.05 9.87 16.22
N ASN A 131 -10.32 8.84 16.59
CA ASN A 131 -10.43 7.57 15.92
C ASN A 131 -9.97 6.52 16.88
N TRP A 132 -10.33 5.29 16.59
CA TRP A 132 -10.07 4.22 17.51
C TRP A 132 -8.59 4.04 17.86
N PHE A 133 -7.71 4.33 16.90
CA PHE A 133 -6.29 4.02 17.14
C PHE A 133 -5.62 5.11 17.97
N ALA A 134 -5.89 6.36 17.60
CA ALA A 134 -5.27 7.52 18.23
C ALA A 134 -5.76 7.60 19.66
N ASP A 135 -7.02 7.20 19.88
CA ASP A 135 -7.63 7.29 21.23
C ASP A 135 -7.42 6.12 22.20
N ALA A 136 -6.77 5.08 21.72
CA ALA A 136 -6.48 3.92 22.49
C ALA A 136 -5.35 4.21 23.48
N PRO A 137 -5.24 3.41 24.56
CA PRO A 137 -4.09 3.56 25.46
C PRO A 137 -2.77 3.39 24.75
N ALA A 138 -1.72 4.06 25.24
CA ALA A 138 -0.38 3.92 24.72
C ALA A 138 0.02 2.46 24.60
N GLU A 139 -0.28 1.64 25.60
CA GLU A 139 0.05 0.21 25.60
C GLU A 139 -0.55 -0.51 24.41
N ARG A 140 -1.80 -0.18 24.09
CA ARG A 140 -2.54 -0.81 23.01
C ARG A 140 -1.95 -0.39 21.64
N GLN A 141 -1.61 0.89 21.52
CA GLN A 141 -0.96 1.43 20.30
C GLN A 141 0.39 0.74 20.03
N ARG A 142 1.17 0.55 21.08
CA ARG A 142 2.44 -0.14 20.98
C ARG A 142 2.29 -1.63 20.72
N GLN A 143 1.25 -2.27 21.25
CA GLN A 143 0.94 -3.65 20.85
C GLN A 143 0.68 -3.78 19.33
N LEU A 144 -0.17 -2.90 18.82
CA LEU A 144 -0.49 -2.88 17.40
C LEU A 144 0.82 -2.63 16.59
N GLN A 145 1.61 -1.63 17.00
CA GLN A 145 2.86 -1.33 16.29
C GLN A 145 3.78 -2.55 16.17
N ASP A 146 4.01 -3.19 17.32
CA ASP A 146 4.89 -4.35 17.45
C ASP A 146 4.40 -5.56 16.66
N ALA A 147 3.09 -5.81 16.70
CA ALA A 147 2.47 -6.85 15.85
C ALA A 147 2.63 -6.55 14.37
N THR A 148 2.57 -5.28 14.01
CA THR A 148 2.68 -4.92 12.61
C THR A 148 4.13 -5.06 12.15
N VAL A 149 5.09 -4.63 12.98
CA VAL A 149 6.50 -4.87 12.65
C VAL A 149 6.82 -6.37 12.55
N ALA A 150 6.17 -7.16 13.42
CA ALA A 150 6.34 -8.63 13.46
C ALA A 150 5.83 -9.25 12.16
N ALA A 151 4.70 -8.73 11.65
CA ALA A 151 4.20 -9.22 10.35
C ALA A 151 5.21 -8.92 9.26
N LEU A 152 5.81 -7.73 9.28
CA LEU A 152 6.78 -7.34 8.28
C LEU A 152 8.01 -8.28 8.35
N ALA A 153 8.47 -8.54 9.56
CA ALA A 153 9.66 -9.36 9.82
C ALA A 153 9.44 -10.76 9.27
N THR A 154 8.21 -11.24 9.44
CA THR A 154 7.79 -12.57 8.91
C THR A 154 7.84 -12.59 7.40
N LEU A 155 7.29 -11.57 6.77
CA LEU A 155 7.34 -11.49 5.31
C LEU A 155 8.77 -11.56 4.81
N HIS A 156 9.65 -10.81 5.47
CA HIS A 156 11.02 -10.64 5.07
C HIS A 156 11.84 -11.93 5.33
N SER A 157 11.24 -12.86 6.05
CA SER A 157 11.92 -14.13 6.39
C SER A 157 11.53 -15.31 5.51
N ILE A 158 10.62 -15.10 4.57
CA ILE A 158 10.40 -16.12 3.56
C ILE A 158 11.70 -16.49 2.80
N PRO A 159 12.09 -17.78 2.84
CA PRO A 159 13.32 -18.26 2.22
C PRO A 159 13.32 -18.20 0.69
N ASN A 160 14.50 -18.06 0.11
CA ASN A 160 14.67 -18.03 -1.35
C ASN A 160 13.64 -17.11 -2.03
N ALA A 161 13.56 -15.85 -1.60
CA ALA A 161 12.49 -15.02 -2.10
C ALA A 161 12.60 -14.72 -3.56
N GLN A 162 13.82 -14.57 -4.09
CA GLN A 162 13.95 -14.26 -5.54
C GLN A 162 13.45 -15.39 -6.43
N ASN A 163 13.53 -16.62 -5.95
CA ASN A 163 13.05 -17.77 -6.74
C ASN A 163 11.56 -17.85 -6.58
N THR A 164 11.13 -17.96 -5.32
CA THR A 164 9.71 -18.11 -4.99
C THR A 164 8.87 -16.97 -5.62
N PHE A 165 9.36 -15.74 -5.45
CA PHE A 165 8.71 -14.62 -6.14
C PHE A 165 9.36 -14.12 -7.45
N SER A 166 9.88 -15.01 -8.31
CA SER A 166 10.62 -14.58 -9.48
C SER A 166 9.81 -13.81 -10.48
N PHE A 167 8.50 -14.02 -10.52
CA PHE A 167 7.68 -13.32 -11.52
C PHE A 167 7.73 -11.81 -11.32
N LEU A 168 8.15 -11.41 -10.13
CA LEU A 168 8.20 -9.98 -9.81
C LEU A 168 9.32 -9.24 -10.54
N THR A 169 10.38 -9.95 -10.93
CA THR A 169 11.53 -9.32 -11.59
C THR A 169 11.29 -9.26 -13.09
N ASP A 175 21.60 -6.23 -13.06
CA ASP A 175 22.12 -5.56 -11.87
C ASP A 175 21.31 -5.97 -10.63
N THR A 176 21.33 -5.18 -9.56
CA THR A 176 20.55 -5.55 -8.37
C THR A 176 19.04 -5.18 -8.47
N THR A 177 18.28 -5.76 -7.55
CA THR A 177 16.88 -5.46 -7.40
C THR A 177 16.64 -4.00 -7.06
N LEU A 178 17.52 -3.41 -6.25
CA LEU A 178 17.32 -1.97 -5.91
C LEU A 178 17.52 -1.14 -7.17
N HIS A 179 18.52 -1.50 -7.99
CA HIS A 179 18.74 -0.78 -9.23
C HIS A 179 17.49 -0.79 -10.05
N ARG A 180 16.84 -1.96 -10.19
CA ARG A 180 15.67 -2.06 -11.08
C ARG A 180 14.46 -1.30 -10.49
N HIS A 181 14.33 -1.38 -9.18
CA HIS A 181 13.25 -0.64 -8.49
C HIS A 181 13.43 0.87 -8.71
N PHE A 182 14.68 1.35 -8.62
CA PHE A 182 15.04 2.74 -8.81
C PHE A 182 14.62 3.20 -10.20
N ASN A 183 14.88 2.38 -11.21
CA ASN A 183 14.45 2.73 -12.56
C ASN A 183 12.94 2.77 -12.74
N TRP A 184 12.26 1.90 -12.01
CA TRP A 184 10.79 1.93 -12.00
C TRP A 184 10.29 3.26 -11.35
N VAL A 185 10.90 3.69 -10.24
CA VAL A 185 10.47 4.98 -9.60
C VAL A 185 10.72 6.16 -10.54
N ARG A 186 11.86 6.14 -11.23
CA ARG A 186 12.10 7.15 -12.23
C ARG A 186 11.02 7.13 -13.32
N SER A 187 10.58 5.93 -13.75
CA SER A 187 9.51 5.86 -14.75
C SER A 187 8.17 6.36 -14.20
N TRP A 188 7.93 6.15 -12.90
CA TRP A 188 6.73 6.62 -12.25
C TRP A 188 6.70 8.14 -12.24
N TYR A 189 7.81 8.75 -11.81
CA TYR A 189 7.97 10.22 -11.90
C TYR A 189 7.71 10.73 -13.33
N ASP A 190 8.37 10.12 -14.31
CA ASP A 190 8.16 10.56 -15.71
C ASP A 190 6.68 10.48 -16.14
N PHE A 191 6.03 9.37 -15.79
CA PHE A 191 4.61 9.21 -15.99
C PHE A 191 3.84 10.37 -15.32
N ALA A 192 4.16 10.68 -14.07
CA ALA A 192 3.42 11.72 -13.33
C ALA A 192 3.64 13.12 -13.94
N VAL A 193 4.85 13.38 -14.39
CA VAL A 193 5.21 14.66 -15.03
C VAL A 193 4.21 14.93 -16.16
N GLU A 194 3.88 13.90 -16.91
CA GLU A 194 3.00 14.04 -18.03
C GLU A 194 1.66 14.62 -17.59
N GLY A 195 1.17 14.29 -16.40
CA GLY A 195 -0.07 14.86 -15.95
C GLY A 195 -0.07 16.18 -15.21
N ILE A 196 1.07 16.59 -14.72
CA ILE A 196 1.09 17.76 -13.89
C ILE A 196 2.31 18.68 -13.95
N GLY A 197 3.36 18.26 -14.60
CA GLY A 197 4.55 19.07 -14.64
C GLY A 197 5.70 18.57 -13.81
N ARG A 198 6.86 19.17 -14.04
CA ARG A 198 8.10 18.74 -13.41
C ARG A 198 8.30 19.30 -12.03
N SER A 199 9.12 18.58 -11.24
CA SER A 199 9.53 19.06 -9.93
C SER A 199 11.05 19.16 -9.89
N PRO A 200 11.60 20.40 -9.84
CA PRO A 200 13.07 20.51 -9.78
C PRO A 200 13.63 19.80 -8.53
N LEU A 201 12.90 19.92 -7.42
CA LEU A 201 13.27 19.21 -6.21
C LEU A 201 13.45 17.71 -6.44
N LEU A 202 12.48 17.09 -7.10
CA LEU A 202 12.57 15.61 -7.22
C LEU A 202 13.69 15.25 -8.21
N GLU A 203 13.88 16.11 -9.21
CA GLU A 203 14.98 15.85 -10.16
C GLU A 203 16.33 15.94 -9.49
N ARG A 204 16.54 16.92 -8.61
CA ARG A 204 17.79 16.98 -7.83
C ARG A 204 17.91 15.83 -6.84
N THR A 205 16.77 15.35 -6.33
CA THR A 205 16.77 14.23 -5.41
C THR A 205 17.18 12.89 -6.08
N PHE A 206 16.67 12.64 -7.28
CA PHE A 206 17.08 11.46 -8.04
C PHE A 206 18.60 11.51 -8.22
N GLU A 207 19.17 12.70 -8.45
CA GLU A 207 20.65 12.80 -8.65
C GLU A 207 21.33 12.53 -7.36
N TRP A 208 20.79 13.07 -6.29
CA TRP A 208 21.33 12.71 -4.97
C TRP A 208 21.29 11.21 -4.66
N LEU A 209 20.14 10.57 -4.89
CA LEU A 209 19.95 9.15 -4.66
C LEU A 209 21.00 8.33 -5.44
N GLN A 210 21.25 8.72 -6.69
CA GLN A 210 22.21 7.99 -7.58
C GLN A 210 23.64 8.12 -7.00
N SER A 211 23.97 9.32 -6.56
CA SER A 211 25.32 9.60 -6.11
C SER A 211 25.61 9.26 -4.66
N HIS A 212 24.59 8.78 -3.92
CA HIS A 212 24.79 8.33 -2.55
C HIS A 212 24.17 6.94 -2.44
N TRP A 213 24.36 6.11 -3.47
CA TRP A 213 23.80 4.73 -3.47
C TRP A 213 24.15 3.94 -2.20
N PRO A 214 23.19 3.18 -1.64
CA PRO A 214 23.38 2.40 -0.42
C PRO A 214 24.02 1.05 -0.81
N ASP A 215 25.30 1.09 -1.21
CA ASP A 215 25.96 -0.06 -1.84
C ASP A 215 25.77 -1.35 -1.04
N ASP A 216 25.99 -1.30 0.26
CA ASP A 216 25.93 -2.47 1.11
C ASP A 216 24.51 -3.07 1.17
N ALA A 217 23.51 -2.22 1.40
CA ALA A 217 22.11 -2.68 1.44
C ALA A 217 21.67 -3.27 0.13
N ALA A 218 22.14 -2.68 -0.98
CA ALA A 218 21.75 -3.09 -2.32
C ALA A 218 22.45 -4.40 -2.70
N ALA A 219 23.53 -4.74 -1.99
CA ALA A 219 24.35 -5.91 -2.36
C ALA A 219 23.87 -7.13 -1.61
N ARG A 220 23.10 -6.91 -0.55
CA ARG A 220 22.63 -8.02 0.28
C ARG A 220 21.45 -8.74 -0.37
N GLU A 221 21.09 -9.91 0.17
CA GLU A 221 20.06 -10.76 -0.41
C GLU A 221 18.71 -9.98 -0.34
N PRO A 222 18.00 -9.81 -1.48
CA PRO A 222 16.73 -9.07 -1.34
C PRO A 222 15.65 -9.95 -0.72
N VAL A 223 14.58 -9.29 -0.29
CA VAL A 223 13.45 -9.98 0.39
C VAL A 223 12.21 -9.57 -0.38
N LEU A 224 11.09 -10.25 -0.08
CA LEU A 224 9.80 -9.82 -0.61
C LEU A 224 9.42 -8.51 0.08
N LEU A 225 9.12 -7.47 -0.70
CA LEU A 225 8.78 -6.15 -0.16
C LEU A 225 7.28 -5.99 -0.36
N TRP A 226 6.56 -5.80 0.73
CA TRP A 226 5.11 -5.52 0.73
C TRP A 226 4.88 -4.25 -0.07
N GLY A 227 5.68 -3.22 0.16
CA GLY A 227 5.62 -2.06 -0.67
C GLY A 227 5.02 -0.90 0.09
N ASP A 228 3.68 -0.80 0.04
CA ASP A 228 3.00 0.29 0.82
C ASP A 228 2.80 -0.23 2.25
N ALA A 229 3.93 -0.39 2.94
CA ALA A 229 3.98 -1.08 4.20
C ALA A 229 3.69 -0.13 5.35
N ARG A 230 2.40 0.05 5.67
CA ARG A 230 2.03 1.07 6.68
C ARG A 230 0.73 0.66 7.33
N VAL A 231 0.47 1.20 8.52
CA VAL A 231 -0.68 0.69 9.35
C VAL A 231 -2.03 0.91 8.65
N GLY A 232 -2.09 1.94 7.82
CA GLY A 232 -3.31 2.24 7.05
C GLY A 232 -3.73 1.15 6.08
N ASN A 233 -2.86 0.19 5.87
CA ASN A 233 -3.12 -0.87 4.88
C ASN A 233 -3.26 -2.24 5.55
N VAL A 234 -3.54 -2.21 6.84
CA VAL A 234 -3.75 -3.43 7.65
C VAL A 234 -5.09 -3.34 8.41
N LEU A 235 -5.88 -4.41 8.32
CA LEU A 235 -7.13 -4.51 9.10
C LEU A 235 -6.77 -5.11 10.43
N TYR A 236 -7.32 -4.54 11.50
CA TYR A 236 -7.05 -5.08 12.84
C TYR A 236 -8.35 -5.50 13.57
N ARG A 237 -8.21 -6.46 14.48
CA ARG A 237 -9.25 -6.70 15.55
C ARG A 237 -8.48 -6.84 16.86
N ASP A 238 -8.92 -6.11 17.86
CA ASP A 238 -8.25 -6.08 19.16
C ASP A 238 -6.76 -5.73 19.02
N PHE A 239 -6.46 -4.72 18.19
CA PHE A 239 -5.07 -4.30 18.00
C PHE A 239 -4.12 -5.37 17.45
N GLN A 240 -4.67 -6.41 16.80
CA GLN A 240 -3.86 -7.40 16.11
C GLN A 240 -4.22 -7.45 14.62
N PRO A 241 -3.22 -7.60 13.73
CA PRO A 241 -3.48 -7.70 12.31
C PRO A 241 -4.37 -8.91 12.01
N VAL A 242 -5.41 -8.70 11.21
CA VAL A 242 -6.24 -9.80 10.71
C VAL A 242 -6.23 -9.85 9.16
N ALA A 243 -5.72 -8.81 8.48
CA ALA A 243 -5.46 -8.85 7.04
C ALA A 243 -4.49 -7.77 6.67
N VAL A 244 -3.45 -8.17 5.94
CA VAL A 244 -2.49 -7.23 5.35
C VAL A 244 -2.94 -6.99 3.91
N LEU A 245 -3.22 -5.74 3.63
CA LEU A 245 -3.77 -5.28 2.37
C LEU A 245 -2.82 -4.41 1.54
N ASP A 246 -3.25 -4.16 0.34
CA ASP A 246 -2.63 -3.24 -0.57
C ASP A 246 -1.28 -3.52 -1.19
N TRP A 247 -1.24 -4.63 -1.90
CA TRP A 247 0.00 -5.16 -2.44
C TRP A 247 0.43 -4.51 -3.77
N GLU A 248 -0.15 -3.35 -4.09
CA GLU A 248 0.15 -2.71 -5.37
C GLU A 248 1.61 -2.46 -5.63
N MET A 249 2.36 -2.13 -4.57
CA MET A 249 3.77 -1.74 -4.75
C MET A 249 4.69 -2.92 -4.42
N VAL A 250 4.12 -4.14 -4.37
CA VAL A 250 4.88 -5.33 -3.95
C VAL A 250 6.14 -5.46 -4.86
N ALA A 251 7.24 -5.90 -4.29
CA ALA A 251 8.49 -5.96 -5.10
C ALA A 251 9.48 -6.89 -4.48
N LEU A 252 10.60 -7.10 -5.17
CA LEU A 252 11.74 -7.65 -4.50
C LEU A 252 12.77 -6.58 -4.27
N GLY A 253 13.41 -6.61 -3.12
CA GLY A 253 14.40 -5.56 -2.79
C GLY A 253 14.95 -5.60 -1.38
N PRO A 254 15.77 -4.59 -1.03
CA PRO A 254 16.42 -4.58 0.25
C PRO A 254 15.37 -4.41 1.33
N ARG A 255 15.54 -5.13 2.45
CA ARG A 255 14.53 -5.08 3.54
C ARG A 255 14.37 -3.67 4.13
N GLU A 256 15.43 -2.87 4.06
CA GLU A 256 15.43 -1.51 4.56
C GLU A 256 14.32 -0.69 3.91
N LEU A 257 13.95 -0.99 2.67
CA LEU A 257 12.96 -0.15 2.00
C LEU A 257 11.60 -0.24 2.69
N ASP A 258 11.14 -1.46 2.99
CA ASP A 258 9.83 -1.58 3.73
C ASP A 258 9.86 -0.94 5.11
N VAL A 259 10.97 -1.13 5.85
CA VAL A 259 11.04 -0.67 7.24
C VAL A 259 11.08 0.85 7.20
N ALA A 260 11.90 1.41 6.29
CA ALA A 260 11.99 2.89 6.15
C ALA A 260 10.62 3.39 5.75
N TRP A 261 9.94 2.73 4.80
CA TRP A 261 8.58 3.19 4.33
C TRP A 261 7.60 3.28 5.52
N MET A 262 7.55 2.27 6.40
CA MET A 262 6.57 2.24 7.52
C MET A 262 6.82 3.37 8.51
N ILE A 263 8.10 3.59 8.80
CA ILE A 263 8.46 4.68 9.70
C ILE A 263 8.16 6.05 9.06
N PHE A 264 8.59 6.26 7.81
CA PHE A 264 8.41 7.53 7.13
C PHE A 264 6.95 7.86 6.85
N ALA A 265 6.15 6.83 6.57
CA ALA A 265 4.69 7.02 6.38
C ALA A 265 4.06 7.69 7.61
N HIS A 266 4.47 7.25 8.80
CA HIS A 266 3.94 7.88 9.97
C HIS A 266 4.49 9.31 10.12
N ARG A 267 5.74 9.54 9.74
CA ARG A 267 6.30 10.89 9.83
C ARG A 267 5.53 11.90 8.89
N VAL A 268 5.13 11.45 7.69
CA VAL A 268 4.33 12.27 6.72
C VAL A 268 3.01 12.66 7.42
N PHE A 269 2.35 11.70 8.07
CA PHE A 269 1.10 11.99 8.81
C PHE A 269 1.30 12.86 10.07
N GLN A 270 2.42 12.67 10.76
CA GLN A 270 2.78 13.59 11.85
C GLN A 270 2.95 15.04 11.36
N GLU A 271 3.63 15.19 10.22
CA GLU A 271 3.77 16.49 9.55
C GLU A 271 2.43 17.12 9.16
N LEU A 272 1.51 16.35 8.57
CA LEU A 272 0.17 16.87 8.26
C LEU A 272 -0.52 17.32 9.56
N ALA A 273 -0.43 16.51 10.62
CA ALA A 273 -1.08 16.85 11.91
C ALA A 273 -0.55 18.18 12.47
N GLY A 274 0.77 18.37 12.40
CA GLY A 274 1.43 19.60 12.80
C GLY A 274 0.98 20.79 11.98
N LEU A 275 0.74 20.58 10.68
CA LEU A 275 0.21 21.66 9.84
C LEU A 275 -1.21 22.01 10.26
N ALA A 276 -1.94 21.07 10.84
CA ALA A 276 -3.30 21.27 11.37
C ALA A 276 -3.28 21.76 12.82
N THR A 277 -2.08 22.12 13.28
CA THR A 277 -1.78 22.47 14.67
C THR A 277 -2.33 21.44 15.66
N LEU A 278 -2.23 20.16 15.28
CA LEU A 278 -2.54 19.09 16.19
C LEU A 278 -1.23 18.41 16.59
N PRO A 279 -1.22 17.85 17.79
CA PRO A 279 0.04 17.32 18.27
C PRO A 279 0.32 15.92 17.72
N GLY A 280 -0.68 15.23 17.12
CA GLY A 280 -0.39 13.89 16.61
C GLY A 280 -0.08 12.75 17.60
N LEU A 281 0.79 11.83 17.18
CA LEU A 281 1.16 10.62 17.94
C LEU A 281 2.67 10.48 17.80
N PRO A 282 3.41 11.30 18.55
CA PRO A 282 4.88 11.33 18.45
C PRO A 282 5.60 10.07 18.98
N GLU A 283 4.92 9.28 19.84
CA GLU A 283 5.50 8.06 20.36
C GLU A 283 5.23 6.84 19.48
N VAL A 284 4.46 7.03 18.41
CA VAL A 284 4.16 5.93 17.52
C VAL A 284 5.20 5.84 16.39
N MET A 285 5.59 4.60 16.06
CA MET A 285 6.48 4.29 14.91
C MET A 285 7.78 5.07 14.95
N ARG A 286 8.35 5.23 16.15
CA ARG A 286 9.66 5.93 16.23
C ARG A 286 10.68 5.01 15.56
N GLU A 287 11.68 5.56 14.84
CA GLU A 287 12.74 4.74 14.28
C GLU A 287 13.43 3.82 15.33
N ASP A 288 13.78 4.35 16.49
CA ASP A 288 14.52 3.54 17.44
C ASP A 288 13.74 2.31 17.86
N ASP A 289 12.47 2.51 18.17
CA ASP A 289 11.60 1.41 18.61
C ASP A 289 11.38 0.40 17.46
N VAL A 290 11.12 0.91 16.24
CA VAL A 290 10.89 0.02 15.12
C VAL A 290 12.13 -0.82 14.78
N ARG A 291 13.33 -0.18 14.83
CA ARG A 291 14.54 -0.89 14.45
C ARG A 291 14.78 -1.95 15.56
N ALA A 292 14.56 -1.58 16.81
CA ALA A 292 14.83 -2.56 17.93
C ALA A 292 13.95 -3.82 17.79
N THR A 293 12.65 -3.59 17.51
CA THR A 293 11.70 -4.68 17.34
C THR A 293 12.07 -5.56 16.15
N TYR A 294 12.31 -4.94 14.99
CA TYR A 294 12.60 -5.67 13.79
C TYR A 294 13.87 -6.52 13.99
N GLN A 295 14.91 -5.88 14.50
CA GLN A 295 16.20 -6.56 14.69
C GLN A 295 16.12 -7.66 15.77
N ALA A 296 15.31 -7.49 16.81
CA ALA A 296 15.12 -8.54 17.81
C ALA A 296 14.36 -9.75 17.25
N LEU A 297 13.44 -9.49 16.34
CA LEU A 297 12.66 -10.56 15.71
C LEU A 297 13.39 -11.30 14.62
N THR A 298 14.17 -10.62 13.80
CA THR A 298 14.78 -11.23 12.60
C THR A 298 16.21 -11.68 12.85
N GLY A 299 16.83 -11.12 13.88
CA GLY A 299 18.27 -11.22 14.06
C GLY A 299 19.08 -10.51 12.98
N VAL A 300 18.43 -9.76 12.07
CA VAL A 300 19.13 -9.11 10.98
C VAL A 300 19.31 -7.62 11.30
N GLU A 301 20.55 -7.13 11.15
CA GLU A 301 20.88 -5.70 11.23
C GLU A 301 20.44 -4.93 9.97
N LEU A 302 19.61 -3.91 10.19
CA LEU A 302 19.23 -2.99 9.13
C LEU A 302 20.37 -2.00 8.85
N GLY A 303 20.59 -1.71 7.56
CA GLY A 303 21.44 -0.62 7.09
C GLY A 303 20.86 0.70 7.61
N ASP A 304 21.65 1.77 7.58
CA ASP A 304 21.14 3.09 7.88
C ASP A 304 19.93 3.29 6.95
N LEU A 305 18.80 3.75 7.52
CA LEU A 305 17.60 4.00 6.71
C LEU A 305 17.56 5.34 5.98
N HIS A 306 18.54 6.22 6.21
CA HIS A 306 18.52 7.56 5.61
C HIS A 306 18.21 7.63 4.09
N TRP A 307 18.98 6.92 3.26
CA TRP A 307 18.72 6.89 1.83
C TRP A 307 17.27 6.48 1.52
N PHE A 308 16.80 5.48 2.26
CA PHE A 308 15.46 4.90 2.09
C PHE A 308 14.35 5.82 2.51
N TYR A 309 14.63 6.67 3.49
CA TYR A 309 13.67 7.73 3.82
C TYR A 309 13.58 8.79 2.66
N VAL A 310 14.73 9.22 2.10
CA VAL A 310 14.74 10.15 0.98
C VAL A 310 13.95 9.50 -0.15
N TYR A 311 14.21 8.23 -0.35
CA TYR A 311 13.61 7.48 -1.48
C TYR A 311 12.10 7.38 -1.27
N SER A 312 11.68 7.03 -0.07
CA SER A 312 10.25 7.06 0.27
C SER A 312 9.57 8.42 0.03
N GLY A 313 10.29 9.51 0.32
CA GLY A 313 9.84 10.87 0.06
C GLY A 313 9.59 11.10 -1.42
N VAL A 314 10.51 10.61 -2.25
CA VAL A 314 10.28 10.72 -3.69
C VAL A 314 8.99 9.98 -4.05
N MET A 315 8.85 8.76 -3.59
CA MET A 315 7.65 8.00 -3.95
C MET A 315 6.33 8.66 -3.43
N TRP A 316 6.32 9.15 -2.19
CA TRP A 316 5.14 9.91 -1.71
C TRP A 316 4.88 11.12 -2.63
N ALA A 317 5.94 11.78 -3.08
CA ALA A 317 5.74 12.93 -3.97
C ALA A 317 5.11 12.49 -5.30
N CYS A 318 5.49 11.31 -5.82
CA CYS A 318 4.84 10.76 -7.05
C CYS A 318 3.34 10.55 -6.80
N VAL A 319 3.01 9.99 -5.65
CA VAL A 319 1.59 9.85 -5.28
C VAL A 319 0.90 11.20 -5.30
N PHE A 320 1.48 12.20 -4.62
CA PHE A 320 0.86 13.53 -4.56
C PHE A 320 0.70 14.16 -5.97
N MET A 321 1.64 13.86 -6.87
CA MET A 321 1.59 14.36 -8.23
C MET A 321 0.38 13.72 -8.98
N ARG A 322 0.13 12.45 -8.67
CA ARG A 322 -1.01 11.71 -9.28
C ARG A 322 -2.37 12.11 -8.67
N THR A 323 -2.39 12.28 -7.36
CA THR A 323 -3.58 12.83 -6.67
C THR A 323 -3.92 14.21 -7.21
N GLY A 324 -2.87 15.03 -7.35
CA GLY A 324 -2.99 16.36 -7.93
C GLY A 324 -3.61 16.30 -9.31
N ALA A 325 -3.05 15.49 -10.20
CA ALA A 325 -3.63 15.33 -11.56
C ALA A 325 -5.11 14.88 -11.53
N ARG A 326 -5.42 13.87 -10.73
CA ARG A 326 -6.80 13.42 -10.60
C ARG A 326 -7.73 14.56 -10.12
N ARG A 327 -7.31 15.30 -9.10
CA ARG A 327 -8.13 16.40 -8.63
C ARG A 327 -8.37 17.50 -9.68
N VAL A 328 -7.37 17.80 -10.51
CA VAL A 328 -7.63 18.75 -11.60
C VAL A 328 -8.56 18.11 -12.65
N HIS A 329 -8.27 16.87 -13.05
CA HIS A 329 -9.14 16.16 -13.98
C HIS A 329 -10.61 16.25 -13.56
N PHE A 330 -10.87 16.17 -12.26
CA PHE A 330 -12.24 16.24 -11.75
C PHE A 330 -12.69 17.67 -11.41
N GLY A 331 -11.90 18.66 -11.84
CA GLY A 331 -12.22 20.08 -11.65
C GLY A 331 -12.14 20.58 -10.22
N GLU A 332 -11.83 19.67 -9.31
CA GLU A 332 -11.74 19.96 -7.87
C GLU A 332 -10.67 21.00 -7.50
N ILE A 333 -9.59 21.10 -8.28
CA ILE A 333 -8.55 22.14 -8.05
C ILE A 333 -8.05 22.68 -9.38
N GLU A 334 -7.25 23.75 -9.37
CA GLU A 334 -6.54 24.23 -10.56
C GLU A 334 -5.15 23.64 -10.59
N LYS A 335 -4.66 23.32 -11.79
CA LYS A 335 -3.27 22.86 -11.94
C LYS A 335 -2.36 23.88 -11.25
N PRO A 336 -1.61 23.44 -10.21
CA PRO A 336 -0.99 24.38 -9.26
C PRO A 336 0.08 25.21 -9.94
N ASP A 337 0.33 26.42 -9.48
CA ASP A 337 1.42 27.19 -10.13
C ASP A 337 2.66 26.28 -10.10
N ASP A 338 2.97 25.70 -8.94
CA ASP A 338 4.21 24.94 -8.75
C ASP A 338 3.80 23.62 -8.09
N VAL A 339 4.17 22.51 -8.70
CA VAL A 339 3.69 21.19 -8.25
C VAL A 339 4.21 20.92 -6.84
N GLU A 340 5.39 21.47 -6.51
CA GLU A 340 6.00 21.25 -5.20
C GLU A 340 5.11 21.78 -4.09
N SER A 341 4.16 22.66 -4.43
CA SER A 341 3.18 23.10 -3.42
C SER A 341 2.40 21.91 -2.85
N LEU A 342 2.32 20.80 -3.60
CA LEU A 342 1.53 19.67 -3.14
C LEU A 342 2.37 18.77 -2.22
N PHE A 343 3.65 19.07 -2.07
CA PHE A 343 4.52 18.15 -1.33
C PHE A 343 4.67 18.74 0.06
N TYR A 344 3.75 18.42 0.94
CA TYR A 344 3.93 19.01 2.30
C TYR A 344 5.04 18.33 3.12
N HIS A 345 5.61 17.22 2.60
CA HIS A 345 6.80 16.65 3.19
C HIS A 345 8.07 17.16 2.53
N ALA A 346 7.96 18.16 1.63
CA ALA A 346 9.15 18.72 0.97
C ALA A 346 10.22 19.21 1.99
N GLY A 347 9.80 19.89 3.06
CA GLY A 347 10.75 20.36 4.06
C GLY A 347 11.44 19.27 4.81
N LEU A 348 10.67 18.25 5.19
CA LEU A 348 11.22 17.01 5.75
C LEU A 348 12.38 16.51 4.83
N MET A 349 12.09 16.47 3.54
CA MET A 349 13.05 15.92 2.55
C MET A 349 14.30 16.83 2.47
N LYS A 350 14.10 18.16 2.46
CA LYS A 350 15.24 19.06 2.34
C LYS A 350 16.14 18.92 3.57
N HIS A 351 15.53 18.75 4.74
CA HIS A 351 16.38 18.50 5.93
C HIS A 351 17.15 17.17 5.85
N LEU A 352 16.48 16.08 5.45
CA LEU A 352 17.23 14.81 5.22
C LEU A 352 18.40 15.01 4.24
N LEU A 353 18.15 15.73 3.14
CA LEU A 353 19.20 15.86 2.09
C LEU A 353 20.39 16.72 2.57
N GLY A 354 20.15 17.48 3.63
CA GLY A 354 21.25 18.23 4.25
C GLY A 354 22.11 17.48 5.27
N GLU A 355 21.77 16.23 5.55
CA GLU A 355 22.56 15.38 6.46
C GLU A 355 23.66 14.66 5.66
N GLU A 356 24.70 14.16 6.34
CA GLU A 356 25.77 13.39 5.77
C GLU A 356 25.88 12.07 6.52
N HIS A 357 25.50 10.98 5.83
CA HIS A 357 25.48 9.61 6.40
C HIS A 357 26.53 8.71 5.72
#